data_7HBO
#
_entry.id   7HBO
#
_cell.length_a   67.410
_cell.length_b   90.480
_cell.length_c   98.820
_cell.angle_alpha   90.000
_cell.angle_beta   90.000
_cell.angle_gamma   90.000
#
_symmetry.space_group_name_H-M   'I 2 2 2'
#
loop_
_entity.id
_entity.type
_entity.pdbx_description
1 polymer 'Heat shock protein HSP 90-alpha'
2 non-polymer "N-[(1S,2S,4S)-bicyclo[2.2.1]hept-5-en-2-yl]-N'-butyl-N-methylurea"
3 water water
#
_entity_poly.entity_id   1
_entity_poly.type   'polypeptide(L)'
_entity_poly.pdbx_seq_one_letter_code
;MDQPMEEEEVETFAFQAEIAQLMSLIINTFYSNKEIFLRELISNSSDALDKIRYESLTDPSKLDSGKELHINLIPNKQDR
TLTIVDTGIGMTKADLINNLGTIAKSGTKAFMEALQAGADISMIGQFGVGFYSAYLVAEKVTVITKHNDDEQYAWESSAG
GSFTVRTDTGEPMGRGTKVILHLKEDQTEYLEERRIKEIVKKHSQFIGYPITLFVEKERDKEVSDDEAELEHHHHHH
;
_entity_poly.pdbx_strand_id   A
#
loop_
_chem_comp.id
_chem_comp.type
_chem_comp.name
_chem_comp.formula
A1AY1 non-polymer N-[(1S,2S,4S)-bicyclo[2.2.1]hept-5-en-2-yl]-N'-butyl-N-methylurea 'C13 H22 N2 O'
#
# COMPACT_ATOMS: atom_id res chain seq x y z
N GLU A 9 19.06 -3.42 -13.44
CA GLU A 9 18.88 -4.85 -13.15
C GLU A 9 17.53 -5.12 -12.48
N VAL A 10 16.61 -5.75 -13.21
CA VAL A 10 15.28 -6.02 -12.70
C VAL A 10 15.16 -7.51 -12.40
N GLU A 11 14.80 -7.84 -11.16
CA GLU A 11 14.57 -9.23 -10.74
C GLU A 11 13.08 -9.52 -10.73
N THR A 12 12.70 -10.66 -11.30
CA THR A 12 11.30 -11.09 -11.32
C THR A 12 11.13 -12.28 -10.38
N PHE A 13 10.04 -12.25 -9.60
CA PHE A 13 9.72 -13.27 -8.61
C PHE A 13 8.29 -13.75 -8.80
N ALA A 14 8.06 -15.01 -8.44
CA ALA A 14 6.71 -15.58 -8.38
C ALA A 14 6.09 -15.30 -7.00
N PHE A 15 4.84 -14.83 -6.99
CA PHE A 15 4.11 -14.78 -5.72
C PHE A 15 4.01 -16.19 -5.16
N GLN A 16 3.97 -16.31 -3.84
CA GLN A 16 3.53 -17.57 -3.27
C GLN A 16 2.14 -17.92 -3.79
N ALA A 17 1.89 -19.22 -3.92
CA ALA A 17 0.63 -19.69 -4.52
C ALA A 17 -0.59 -19.11 -3.83
N GLU A 18 -0.57 -19.04 -2.49
CA GLU A 18 -1.75 -18.57 -1.77
C GLU A 18 -1.99 -17.09 -2.02
N ILE A 19 -0.91 -16.31 -2.15
CA ILE A 19 -1.04 -14.87 -2.39
C ILE A 19 -1.52 -14.62 -3.82
N ALA A 20 -1.00 -15.36 -4.80
CA ALA A 20 -1.53 -15.25 -6.16
C ALA A 20 -3.02 -15.58 -6.18
N GLN A 21 -3.41 -16.59 -5.42
CA GLN A 21 -4.82 -16.94 -5.32
C GLN A 21 -5.65 -15.79 -4.73
N LEU A 22 -5.11 -15.11 -3.71
CA LEU A 22 -5.84 -13.99 -3.13
C LEU A 22 -5.99 -12.84 -4.13
N MET A 23 -4.94 -12.54 -4.89
CA MET A 23 -4.99 -11.43 -5.83
C MET A 23 -6.01 -11.70 -6.93
N SER A 24 -6.10 -12.94 -7.40
CA SER A 24 -7.08 -13.20 -8.45
C SER A 24 -8.49 -13.22 -7.89
N LEU A 25 -8.68 -13.63 -6.64
CA LEU A 25 -10.00 -13.47 -6.02
C LEU A 25 -10.39 -12.01 -5.92
N ILE A 26 -9.45 -11.15 -5.51
CA ILE A 26 -9.73 -9.73 -5.39
C ILE A 26 -10.06 -9.14 -6.76
N ILE A 27 -9.33 -9.56 -7.79
CA ILE A 27 -9.52 -9.01 -9.13
C ILE A 27 -10.82 -9.51 -9.76
N ASN A 28 -11.17 -10.77 -9.51
CA ASN A 28 -12.26 -11.40 -10.26
C ASN A 28 -13.61 -11.38 -9.54
N THR A 29 -13.66 -11.22 -8.22
CA THR A 29 -14.94 -11.29 -7.53
C THR A 29 -15.73 -10.01 -7.76
N PHE A 30 -17.03 -10.15 -8.01
CA PHE A 30 -17.89 -8.99 -8.14
C PHE A 30 -18.14 -8.41 -6.76
N TYR A 31 -17.75 -7.15 -6.56
CA TYR A 31 -17.80 -6.54 -5.24
C TYR A 31 -17.77 -5.03 -5.45
N SER A 32 -18.90 -4.35 -5.20
CA SER A 32 -19.03 -2.95 -5.58
C SER A 32 -18.37 -1.99 -4.61
N ASN A 33 -18.15 -2.38 -3.35
CA ASN A 33 -17.66 -1.47 -2.32
C ASN A 33 -16.12 -1.37 -2.38
N LYS A 34 -15.63 -0.89 -3.53
CA LYS A 34 -14.19 -0.85 -3.80
C LYS A 34 -13.47 0.24 -3.00
N GLU A 35 -14.17 1.26 -2.50
CA GLU A 35 -13.50 2.38 -1.85
C GLU A 35 -12.68 1.98 -0.61
N ILE A 36 -12.93 0.80 -0.04
CA ILE A 36 -12.22 0.40 1.17
C ILE A 36 -10.72 0.25 0.94
N PHE A 37 -10.28 0.20 -0.32
CA PHE A 37 -8.85 0.11 -0.59
C PHE A 37 -8.10 1.27 0.07
N LEU A 38 -8.68 2.48 0.08
CA LEU A 38 -7.97 3.64 0.59
C LEU A 38 -7.79 3.56 2.10
N ARG A 39 -8.84 3.16 2.81
CA ARG A 39 -8.72 2.94 4.25
C ARG A 39 -7.61 1.96 4.56
N GLU A 40 -7.49 0.89 3.78
CA GLU A 40 -6.49 -0.13 4.07
C GLU A 40 -5.08 0.39 3.85
N LEU A 41 -4.87 1.17 2.78
CA LEU A 41 -3.51 1.67 2.53
C LEU A 41 -3.13 2.75 3.54
N ILE A 42 -4.10 3.59 3.92
CA ILE A 42 -3.86 4.61 4.95
C ILE A 42 -3.56 3.96 6.30
N SER A 43 -4.29 2.89 6.63
CA SER A 43 -3.99 2.15 7.85
C SER A 43 -2.58 1.54 7.80
N ASN A 44 -2.18 1.00 6.65
CA ASN A 44 -0.82 0.51 6.47
C ASN A 44 0.20 1.63 6.69
N SER A 45 -0.07 2.81 6.14
CA SER A 45 0.82 3.96 6.35
C SER A 45 0.90 4.34 7.83
N SER A 46 -0.26 4.35 8.51
CA SER A 46 -0.28 4.69 9.93
C SER A 46 0.57 3.74 10.76
N ASP A 47 0.50 2.43 10.46
CA ASP A 47 1.32 1.47 11.20
C ASP A 47 2.81 1.72 10.96
N ALA A 48 3.19 2.00 9.71
CA ALA A 48 4.60 2.26 9.38
C ALA A 48 5.11 3.50 10.10
N LEU A 49 4.26 4.52 10.23
CA LEU A 49 4.60 5.72 10.99
C LEU A 49 4.70 5.42 12.48
N ASP A 50 3.77 4.63 13.03
CA ASP A 50 3.89 4.18 14.43
C ASP A 50 5.25 3.52 14.67
N LYS A 51 5.70 2.69 13.72
CA LYS A 51 6.92 1.90 13.93
C LYS A 51 8.14 2.81 14.03
N ILE A 52 8.29 3.75 13.11
CA ILE A 52 9.46 4.62 13.17
C ILE A 52 9.36 5.56 14.36
N ARG A 53 8.15 5.96 14.73
CA ARG A 53 8.03 6.81 15.92
C ARG A 53 8.51 6.06 17.16
N TYR A 54 8.06 4.82 17.33
CA TYR A 54 8.49 4.04 18.49
C TYR A 54 10.00 3.85 18.47
N GLU A 55 10.55 3.38 17.35
CA GLU A 55 11.99 3.10 17.28
C GLU A 55 12.81 4.34 17.58
N SER A 56 12.33 5.51 17.18
CA SER A 56 13.09 6.74 17.38
C SER A 56 13.10 7.19 18.84
N LEU A 57 12.20 6.66 19.68
CA LEU A 57 12.24 6.98 21.11
C LEU A 57 13.53 6.49 21.76
N THR A 58 14.01 5.33 21.33
CA THR A 58 15.23 4.77 21.90
C THR A 58 16.45 5.00 21.03
N ASP A 59 16.30 5.63 19.87
CA ASP A 59 17.41 5.95 18.98
C ASP A 59 17.02 7.15 18.11
N PRO A 60 17.21 8.38 18.60
CA PRO A 60 16.76 9.56 17.85
C PRO A 60 17.40 9.70 16.47
N SER A 61 18.58 9.12 16.25
CA SER A 61 19.24 9.23 14.95
C SER A 61 18.46 8.54 13.83
N LYS A 62 17.48 7.68 14.15
CA LYS A 62 16.67 7.08 13.09
C LYS A 62 15.78 8.09 12.37
N LEU A 63 15.64 9.30 12.91
CA LEU A 63 14.89 10.35 12.24
C LEU A 63 15.79 11.32 11.48
N ASP A 64 17.10 11.03 11.39
CA ASP A 64 18.01 11.84 10.59
C ASP A 64 17.58 11.86 9.13
N SER A 65 16.96 10.79 8.66
CA SER A 65 16.44 10.70 7.30
C SER A 65 15.09 11.41 7.12
N GLY A 66 14.66 12.22 8.10
CA GLY A 66 13.41 12.97 8.00
C GLY A 66 12.60 12.94 9.28
N LYS A 67 12.36 14.11 9.88
CA LYS A 67 11.64 14.21 11.14
C LYS A 67 10.12 14.19 10.99
N GLU A 68 9.60 14.57 9.82
CA GLU A 68 8.16 14.73 9.66
C GLU A 68 7.50 13.37 9.49
N LEU A 69 6.39 13.17 10.21
CA LEU A 69 5.61 11.94 10.15
C LEU A 69 4.24 12.30 9.59
N HIS A 70 3.99 11.96 8.32
CA HIS A 70 2.76 12.40 7.69
C HIS A 70 2.40 11.46 6.53
N ILE A 71 1.20 11.66 6.00
CA ILE A 71 0.66 10.90 4.89
C ILE A 71 0.15 11.88 3.84
N ASN A 72 0.55 11.70 2.58
CA ASN A 72 0.11 12.53 1.47
C ASN A 72 -0.64 11.68 0.46
N LEU A 73 -1.75 12.20 -0.04
CA LEU A 73 -2.54 11.56 -1.09
C LEU A 73 -2.46 12.44 -2.32
N ILE A 74 -1.94 11.89 -3.41
CA ILE A 74 -1.63 12.68 -4.60
C ILE A 74 -2.31 12.06 -5.81
N PRO A 75 -3.44 12.61 -6.27
CA PRO A 75 -4.04 12.14 -7.52
C PRO A 75 -3.39 12.82 -8.71
N ASN A 76 -3.37 12.09 -9.83
CA ASN A 76 -2.81 12.62 -11.08
C ASN A 76 -3.68 12.10 -12.22
N LYS A 77 -4.55 12.96 -12.74
CA LYS A 77 -5.47 12.56 -13.80
C LYS A 77 -4.74 12.32 -15.11
N GLN A 78 -3.63 13.03 -15.34
CA GLN A 78 -2.88 12.86 -16.58
C GLN A 78 -2.27 11.46 -16.67
N ASP A 79 -1.64 11.01 -15.60
CA ASP A 79 -1.08 9.66 -15.54
C ASP A 79 -2.10 8.62 -15.09
N ARG A 80 -3.30 9.04 -14.69
CA ARG A 80 -4.30 8.15 -14.09
C ARG A 80 -3.72 7.35 -12.93
N THR A 81 -3.09 8.05 -11.99
CA THR A 81 -2.49 7.43 -10.82
C THR A 81 -2.99 8.11 -9.55
N LEU A 82 -3.06 7.32 -8.48
CA LEU A 82 -3.27 7.81 -7.13
C LEU A 82 -2.10 7.32 -6.29
N THR A 83 -1.40 8.24 -5.64
CA THR A 83 -0.21 7.91 -4.87
C THR A 83 -0.48 8.15 -3.39
N ILE A 84 -0.21 7.15 -2.57
CA ILE A 84 -0.23 7.30 -1.11
C ILE A 84 1.21 7.29 -0.62
N VAL A 85 1.66 8.42 -0.08
CA VAL A 85 3.03 8.59 0.41
C VAL A 85 2.99 8.73 1.93
N ASP A 86 3.86 7.99 2.62
CA ASP A 86 4.07 8.17 4.05
C ASP A 86 5.57 8.23 4.32
N THR A 87 5.93 8.87 5.44
CA THR A 87 7.32 8.88 5.88
C THR A 87 7.53 7.91 7.03
N GLY A 88 6.96 6.71 6.92
CA GLY A 88 7.11 5.68 7.93
C GLY A 88 8.45 4.98 7.86
N ILE A 89 8.50 3.80 8.49
CA ILE A 89 9.78 3.11 8.65
C ILE A 89 10.34 2.57 7.34
N GLY A 90 9.51 2.42 6.30
CA GLY A 90 9.99 1.88 5.05
C GLY A 90 10.17 0.38 5.10
N MET A 91 10.62 -0.18 3.99
CA MET A 91 10.73 -1.62 3.81
C MET A 91 12.08 -1.96 3.19
N THR A 92 12.75 -2.98 3.75
CA THR A 92 14.01 -3.47 3.20
C THR A 92 13.75 -4.35 1.98
N LYS A 93 14.83 -4.70 1.29
CA LYS A 93 14.72 -5.61 0.15
C LYS A 93 14.16 -6.96 0.60
N ALA A 94 14.64 -7.49 1.74
CA ALA A 94 14.11 -8.75 2.25
C ALA A 94 12.63 -8.64 2.62
N ASP A 95 12.19 -7.48 3.10
CA ASP A 95 10.76 -7.28 3.33
C ASP A 95 9.96 -7.47 2.05
N LEU A 96 10.34 -6.74 0.99
CA LEU A 96 9.63 -6.76 -0.29
C LEU A 96 9.61 -8.14 -0.91
N ILE A 97 10.74 -8.85 -0.87
CA ILE A 97 10.86 -10.10 -1.61
C ILE A 97 10.31 -11.28 -0.82
N ASN A 98 10.50 -11.29 0.50
CA ASN A 98 10.19 -12.52 1.25
C ASN A 98 9.41 -12.32 2.54
N ASN A 99 9.86 -11.43 3.43
CA ASN A 99 9.37 -11.40 4.81
C ASN A 99 7.87 -11.12 4.87
N LEU A 100 7.45 -10.03 4.23
CA LEU A 100 6.06 -9.58 4.34
C LEU A 100 5.11 -10.56 3.65
N GLY A 101 5.54 -11.12 2.51
CA GLY A 101 4.72 -12.13 1.86
C GLY A 101 4.59 -13.38 2.71
N THR A 102 5.66 -13.75 3.41
CA THR A 102 5.60 -14.88 4.32
C THR A 102 4.56 -14.64 5.41
N ILE A 103 4.64 -13.48 6.08
CA ILE A 103 3.66 -13.14 7.10
C ILE A 103 2.25 -13.19 6.54
N ALA A 104 2.05 -12.68 5.31
CA ALA A 104 0.73 -12.59 4.72
C ALA A 104 0.13 -13.95 4.40
N LYS A 105 0.94 -15.02 4.38
CA LYS A 105 0.44 -16.33 3.99
C LYS A 105 -0.66 -16.81 4.93
N SER A 106 -0.44 -16.71 6.25
CA SER A 106 -1.44 -17.21 7.18
C SER A 106 -2.70 -16.34 7.20
N GLY A 107 -2.52 -15.01 7.13
CA GLY A 107 -3.69 -14.15 7.05
C GLY A 107 -4.49 -14.35 5.78
N THR A 108 -3.80 -14.70 4.69
CA THR A 108 -4.50 -15.03 3.44
C THR A 108 -5.38 -16.26 3.61
N LYS A 109 -4.80 -17.34 4.16
CA LYS A 109 -5.57 -18.56 4.37
C LYS A 109 -6.77 -18.32 5.27
N ALA A 110 -6.56 -17.61 6.38
CA ALA A 110 -7.67 -17.29 7.28
C ALA A 110 -8.72 -16.44 6.58
N PHE A 111 -8.29 -15.42 5.83
CA PHE A 111 -9.23 -14.55 5.13
C PHE A 111 -10.09 -15.36 4.16
N MET A 112 -9.45 -16.19 3.36
CA MET A 112 -10.18 -16.95 2.35
C MET A 112 -11.14 -17.95 2.97
N GLU A 113 -10.80 -18.49 4.14
CA GLU A 113 -11.74 -19.36 4.84
C GLU A 113 -12.95 -18.56 5.34
N ALA A 114 -12.71 -17.35 5.86
CA ALA A 114 -13.82 -16.52 6.35
C ALA A 114 -14.78 -16.19 5.22
N LEU A 115 -14.25 -15.92 4.02
CA LEU A 115 -15.09 -15.61 2.88
C LEU A 115 -16.01 -16.76 2.52
N GLN A 116 -15.56 -18.01 2.72
CA GLN A 116 -16.46 -19.16 2.57
C GLN A 116 -17.55 -19.17 3.64
N ALA A 117 -17.25 -18.62 4.81
CA ALA A 117 -18.18 -18.68 5.92
C ALA A 117 -19.18 -17.53 5.92
N GLY A 118 -19.13 -16.64 4.93
CA GLY A 118 -20.05 -15.52 4.86
C GLY A 118 -19.42 -14.15 5.05
N ALA A 119 -18.13 -14.08 5.40
CA ALA A 119 -17.45 -12.79 5.47
C ALA A 119 -17.42 -12.14 4.09
N ASP A 120 -17.07 -10.85 4.06
CA ASP A 120 -16.95 -10.13 2.81
C ASP A 120 -15.61 -9.42 2.72
N ILE A 121 -15.30 -8.98 1.50
CA ILE A 121 -13.96 -8.50 1.18
C ILE A 121 -13.58 -7.28 2.02
N SER A 122 -14.55 -6.51 2.49
CA SER A 122 -14.22 -5.35 3.31
C SER A 122 -13.58 -5.71 4.65
N MET A 123 -13.57 -6.97 5.04
CA MET A 123 -12.94 -7.37 6.29
C MET A 123 -11.49 -7.81 6.08
N ILE A 124 -10.94 -7.56 4.89
CA ILE A 124 -9.59 -8.00 4.54
C ILE A 124 -8.56 -7.45 5.51
N GLY A 125 -8.81 -6.25 6.05
CA GLY A 125 -7.87 -5.66 6.98
C GLY A 125 -7.69 -6.44 8.27
N GLN A 126 -8.77 -7.04 8.77
CA GLN A 126 -8.66 -7.85 9.99
C GLN A 126 -7.76 -9.06 9.84
N PHE A 127 -7.26 -9.34 8.64
CA PHE A 127 -6.38 -10.48 8.42
C PHE A 127 -4.97 -10.05 8.04
N GLY A 128 -4.68 -8.75 8.08
CA GLY A 128 -3.35 -8.26 7.81
C GLY A 128 -2.93 -8.26 6.36
N VAL A 129 -3.85 -8.47 5.43
CA VAL A 129 -3.44 -8.48 4.04
C VAL A 129 -4.19 -7.38 3.28
N GLY A 130 -4.46 -6.26 3.97
CA GLY A 130 -5.19 -5.17 3.35
C GLY A 130 -4.49 -4.56 2.15
N PHE A 131 -3.16 -4.63 2.10
CA PHE A 131 -2.44 -4.05 0.97
C PHE A 131 -3.02 -4.52 -0.35
N TYR A 132 -3.30 -5.82 -0.47
CA TYR A 132 -3.73 -6.38 -1.76
C TYR A 132 -5.10 -5.89 -2.20
N SER A 133 -5.86 -5.21 -1.33
CA SER A 133 -7.10 -4.60 -1.79
C SER A 133 -6.85 -3.50 -2.80
N ALA A 134 -5.60 -3.03 -2.92
CA ALA A 134 -5.24 -2.11 -4.00
C ALA A 134 -5.71 -2.62 -5.35
N TYR A 135 -5.75 -3.94 -5.54
CA TYR A 135 -6.13 -4.47 -6.85
C TYR A 135 -7.63 -4.47 -7.06
N LEU A 136 -8.39 -3.91 -6.14
CA LEU A 136 -9.78 -3.61 -6.45
C LEU A 136 -9.89 -2.50 -7.49
N VAL A 137 -8.96 -1.54 -7.47
CA VAL A 137 -9.05 -0.36 -8.31
C VAL A 137 -7.86 -0.18 -9.25
N ALA A 138 -6.75 -0.89 -9.04
CA ALA A 138 -5.53 -0.67 -9.81
C ALA A 138 -5.24 -1.85 -10.72
N GLU A 139 -4.87 -1.56 -11.97
CA GLU A 139 -4.39 -2.62 -12.84
C GLU A 139 -2.92 -2.94 -12.60
N LYS A 140 -2.18 -2.01 -12.02
CA LYS A 140 -0.76 -2.17 -11.72
C LYS A 140 -0.45 -1.36 -10.47
N VAL A 141 0.39 -1.90 -9.59
CA VAL A 141 0.78 -1.20 -8.37
C VAL A 141 2.30 -1.09 -8.34
N THR A 142 2.81 0.13 -8.14
CA THR A 142 4.23 0.36 -7.94
C THR A 142 4.44 0.85 -6.51
N VAL A 143 5.41 0.26 -5.81
CA VAL A 143 5.74 0.67 -4.44
C VAL A 143 7.20 1.08 -4.43
N ILE A 144 7.46 2.33 -4.07
CA ILE A 144 8.82 2.84 -3.90
C ILE A 144 9.04 2.95 -2.40
N THR A 145 10.17 2.44 -1.90
CA THR A 145 10.32 2.41 -0.46
C THR A 145 11.79 2.56 -0.09
N LYS A 146 12.03 3.14 1.09
CA LYS A 146 13.37 3.38 1.59
C LYS A 146 13.37 3.16 3.10
N HIS A 147 14.09 2.14 3.56
CA HIS A 147 14.30 1.87 4.98
C HIS A 147 15.69 2.38 5.35
N ASN A 148 15.85 2.83 6.60
CA ASN A 148 17.13 3.38 7.05
C ASN A 148 18.30 2.41 6.83
N ASP A 149 18.05 1.11 6.85
CA ASP A 149 19.12 0.12 6.81
C ASP A 149 19.34 -0.46 5.41
N ASP A 150 18.75 0.12 4.38
CA ASP A 150 18.82 -0.48 3.05
C ASP A 150 18.73 0.64 2.02
N GLU A 151 18.81 0.26 0.75
CA GLU A 151 18.74 1.22 -0.36
C GLU A 151 17.29 1.46 -0.75
N GLN A 152 17.08 2.43 -1.65
CA GLN A 152 15.75 2.70 -2.17
C GLN A 152 15.41 1.66 -3.24
N TYR A 153 14.25 1.03 -3.11
CA TYR A 153 13.82 -0.05 -4.02
C TYR A 153 12.47 0.26 -4.63
N ALA A 154 12.23 -0.32 -5.82
CA ALA A 154 10.93 -0.23 -6.47
C ALA A 154 10.41 -1.64 -6.70
N TRP A 155 9.25 -1.92 -6.11
CA TRP A 155 8.49 -3.16 -6.26
C TRP A 155 7.35 -2.86 -7.23
N GLU A 156 6.99 -3.83 -8.07
CA GLU A 156 5.93 -3.59 -9.03
C GLU A 156 5.22 -4.88 -9.38
N SER A 157 3.89 -4.81 -9.56
CA SER A 157 3.15 -5.99 -10.00
C SER A 157 1.84 -5.59 -10.66
N SER A 158 1.56 -6.24 -11.79
CA SER A 158 0.26 -6.21 -12.44
C SER A 158 -0.52 -7.49 -12.19
N ALA A 159 -0.23 -8.14 -11.07
CA ALA A 159 -0.83 -9.44 -10.71
C ALA A 159 -0.39 -10.44 -11.78
N GLY A 160 -1.22 -11.45 -12.03
CA GLY A 160 -0.78 -12.47 -12.96
C GLY A 160 0.26 -13.41 -12.44
N GLY A 161 0.57 -13.37 -11.14
CA GLY A 161 1.44 -14.34 -10.52
C GLY A 161 2.86 -13.91 -10.24
N SER A 162 3.28 -12.73 -10.70
CA SER A 162 4.68 -12.33 -10.55
C SER A 162 4.76 -10.87 -10.13
N PHE A 163 5.89 -10.53 -9.51
CA PHE A 163 6.24 -9.15 -9.18
C PHE A 163 7.71 -8.95 -9.51
N THR A 164 8.12 -7.70 -9.65
CA THR A 164 9.53 -7.37 -9.88
C THR A 164 10.04 -6.46 -8.77
N VAL A 165 11.35 -6.53 -8.51
CA VAL A 165 12.01 -5.62 -7.60
C VAL A 165 13.29 -5.13 -8.27
N ARG A 166 13.55 -3.83 -8.18
CA ARG A 166 14.81 -3.29 -8.67
C ARG A 166 15.23 -2.17 -7.73
N THR A 167 16.52 -1.82 -7.79
CA THR A 167 17.00 -0.60 -7.18
C THR A 167 16.37 0.58 -7.90
N ASP A 168 15.91 1.57 -7.13
CA ASP A 168 15.24 2.72 -7.74
C ASP A 168 16.23 3.83 -8.02
N THR A 169 16.18 4.38 -9.24
CA THR A 169 17.07 5.45 -9.65
C THR A 169 16.47 6.84 -9.49
N GLY A 170 15.15 6.95 -9.36
CA GLY A 170 14.48 8.24 -9.28
C GLY A 170 14.81 9.09 -8.08
N GLU A 171 13.94 10.06 -7.79
CA GLU A 171 14.21 11.01 -6.72
C GLU A 171 14.36 10.29 -5.38
N PRO A 172 15.41 10.57 -4.61
CA PRO A 172 15.54 9.96 -3.29
C PRO A 172 14.39 10.37 -2.37
N MET A 173 13.90 9.40 -1.59
CA MET A 173 12.74 9.60 -0.73
C MET A 173 13.08 10.05 0.69
N GLY A 174 14.30 9.80 1.13
CA GLY A 174 14.65 10.01 2.53
C GLY A 174 14.35 8.79 3.38
N ARG A 175 13.07 8.46 3.53
CA ARG A 175 12.62 7.31 4.30
C ARG A 175 11.12 7.25 4.18
N GLY A 176 10.59 6.05 3.97
CA GLY A 176 9.15 5.92 3.88
C GLY A 176 8.74 5.02 2.75
N THR A 177 7.48 5.13 2.38
CA THR A 177 6.91 4.25 1.36
C THR A 177 5.97 5.06 0.49
N LYS A 178 6.04 4.82 -0.81
CA LYS A 178 5.15 5.45 -1.77
C LYS A 178 4.42 4.36 -2.54
N VAL A 179 3.10 4.32 -2.44
CA VAL A 179 2.29 3.35 -3.17
C VAL A 179 1.64 4.07 -4.34
N ILE A 180 1.98 3.68 -5.57
CA ILE A 180 1.45 4.29 -6.78
C ILE A 180 0.41 3.34 -7.35
N LEU A 181 -0.85 3.76 -7.35
CA LEU A 181 -1.95 2.99 -7.93
C LEU A 181 -2.19 3.46 -9.36
N HIS A 182 -1.89 2.60 -10.33
CA HIS A 182 -2.27 2.88 -11.73
C HIS A 182 -3.70 2.36 -11.89
N LEU A 183 -4.66 3.27 -11.92
CA LEU A 183 -6.07 2.91 -11.79
C LEU A 183 -6.60 2.25 -13.05
N LYS A 184 -7.52 1.29 -12.87
CA LYS A 184 -8.29 0.75 -13.98
C LYS A 184 -9.09 1.86 -14.64
N GLU A 185 -9.44 1.65 -15.92
CA GLU A 185 -10.09 2.70 -16.69
C GLU A 185 -11.44 3.13 -16.11
N ASP A 186 -12.16 2.22 -15.45
CA ASP A 186 -13.48 2.57 -14.94
C ASP A 186 -13.45 2.95 -13.46
N GLN A 187 -12.26 3.25 -12.91
CA GLN A 187 -12.13 3.58 -11.50
C GLN A 187 -11.54 4.97 -11.29
N THR A 188 -11.72 5.87 -12.26
CA THR A 188 -11.13 7.21 -12.15
C THR A 188 -11.85 8.11 -11.15
N GLU A 189 -12.97 7.65 -10.58
CA GLU A 189 -13.61 8.45 -9.54
C GLU A 189 -12.69 8.70 -8.35
N TYR A 190 -11.75 7.79 -8.09
CA TYR A 190 -10.83 7.97 -6.97
C TYR A 190 -9.71 8.95 -7.29
N LEU A 191 -9.80 9.67 -8.41
CA LEU A 191 -8.92 10.80 -8.68
C LEU A 191 -9.59 12.12 -8.36
N GLU A 192 -10.86 12.10 -7.97
CA GLU A 192 -11.62 13.32 -7.75
C GLU A 192 -11.51 13.77 -6.30
N GLU A 193 -11.26 15.06 -6.11
CA GLU A 193 -11.04 15.60 -4.77
C GLU A 193 -12.23 15.31 -3.85
N ARG A 194 -13.45 15.60 -4.29
CA ARG A 194 -14.60 15.41 -3.40
C ARG A 194 -14.79 13.94 -3.06
N ARG A 195 -14.41 13.03 -3.96
CA ARG A 195 -14.59 11.61 -3.68
C ARG A 195 -13.56 11.13 -2.67
N ILE A 196 -12.32 11.60 -2.80
CA ILE A 196 -11.28 11.18 -1.86
C ILE A 196 -11.57 11.72 -0.46
N LYS A 197 -11.98 13.00 -0.39
CA LYS A 197 -12.35 13.59 0.90
C LYS A 197 -13.45 12.79 1.57
N GLU A 198 -14.49 12.46 0.81
CA GLU A 198 -15.60 11.66 1.34
C GLU A 198 -15.10 10.35 1.96
N ILE A 199 -14.19 9.67 1.26
CA ILE A 199 -13.72 8.36 1.72
C ILE A 199 -12.84 8.52 2.96
N VAL A 200 -11.90 9.47 2.93
CA VAL A 200 -11.05 9.69 4.10
C VAL A 200 -11.90 10.03 5.32
N LYS A 201 -12.84 10.97 5.15
CA LYS A 201 -13.74 11.34 6.25
C LYS A 201 -14.54 10.16 6.78
N LYS A 202 -14.95 9.24 5.91
CA LYS A 202 -15.82 8.14 6.32
C LYS A 202 -15.06 7.02 7.02
N HIS A 203 -13.84 6.70 6.57
CA HIS A 203 -13.14 5.51 7.02
C HIS A 203 -11.85 5.80 7.78
N SER A 204 -11.32 7.02 7.72
CA SER A 204 -9.99 7.26 8.26
C SER A 204 -9.94 8.55 9.09
N GLN A 205 -11.06 8.94 9.71
CA GLN A 205 -11.12 10.27 10.31
C GLN A 205 -10.25 10.39 11.56
N PHE A 206 -9.94 9.27 12.23
CA PHE A 206 -9.20 9.30 13.48
C PHE A 206 -7.76 8.82 13.35
N ILE A 207 -7.21 8.83 12.14
CA ILE A 207 -5.79 8.52 11.95
C ILE A 207 -4.95 9.58 12.63
N GLY A 208 -3.95 9.14 13.40
CA GLY A 208 -3.21 10.04 14.25
C GLY A 208 -2.01 10.71 13.61
N TYR A 209 -2.05 10.91 12.29
CA TYR A 209 -1.01 11.62 11.57
C TYR A 209 -1.67 12.53 10.57
N PRO A 210 -1.06 13.68 10.24
CA PRO A 210 -1.68 14.58 9.25
C PRO A 210 -1.76 13.92 7.87
N ILE A 211 -2.97 13.90 7.31
CA ILE A 211 -3.25 13.41 5.97
C ILE A 211 -3.52 14.62 5.09
N THR A 212 -2.65 14.87 4.12
CA THR A 212 -2.85 16.00 3.21
C THR A 212 -3.30 15.46 1.86
N LEU A 213 -4.47 15.89 1.42
CA LEU A 213 -4.95 15.54 0.09
C LEU A 213 -4.50 16.64 -0.87
N PHE A 214 -3.56 16.30 -1.77
CA PHE A 214 -3.13 17.27 -2.78
C PHE A 214 -4.25 17.48 -3.80
N VAL A 215 -4.25 18.66 -4.40
CA VAL A 215 -5.18 18.97 -5.48
C VAL A 215 -4.40 19.18 -6.76
N GLU A 216 -5.07 19.00 -7.88
CA GLU A 216 -4.40 19.03 -9.17
C GLU A 216 -4.40 20.43 -9.78
N LYS A 217 -3.49 20.63 -10.74
CA LYS A 217 -3.30 21.91 -11.40
C LYS A 217 -3.87 21.96 -12.83
C1 A1AY1 B . 3.75 -0.58 4.65
C10 A1AY1 B . 3.85 -6.30 -1.81
C11 A1AY1 B . 4.04 -7.31 -1.01
C12 A1AY1 B . 4.92 -6.83 0.12
C13 A1AY1 B . 5.77 -5.82 -0.63
C2 A1AY1 B . 2.67 -0.54 3.59
C3 A1AY1 B . 2.67 -1.77 2.72
C4 A1AY1 B . 2.37 -3.07 3.46
C5 A1AY1 B . 2.32 -5.44 2.67
C6 A1AY1 B . 2.48 -7.68 1.76
C7 A1AY1 B . 4.10 -5.85 1.01
C8 A1AY1 B . 3.73 -4.75 -0.03
C9 A1AY1 B . 4.58 -5.12 -1.26
N1 A1AY1 B . 2.85 -4.21 2.69
N2 A1AY1 B . 2.95 -6.30 1.83
O1 A1AY1 B . 1.36 -5.77 3.37
#